data_6SQL
#
_entry.id   6SQL
#
_cell.length_a   97.931
_cell.length_b   97.931
_cell.length_c   139.954
_cell.angle_alpha   90.000
_cell.angle_beta   90.000
_cell.angle_gamma   120.000
#
_symmetry.space_group_name_H-M   'P 62 2 2'
#
loop_
_entity.id
_entity.type
_entity.pdbx_description
1 polymer 'Enoyl-[acyl-carrier-protein] reductase [NADH]'
2 non-polymer NICOTINAMIDE-ADENINE-DINUCLEOTIDE
3 non-polymer ~{N}-[3-(aminomethyl)phenyl]-5-chloranyl-3-methyl-1-benzothiophene-2-sulfonamide
4 water water
#
_entity_poly.entity_id   1
_entity_poly.type   'polypeptide(L)'
_entity_poly.pdbx_seq_one_letter_code
;SMTGLLDGKRILVSGIITDSSIAFHIARVAQEQGAQLVLTGFDRLRLIQRITDRLPAKAPLLELDVQNEEHLASLAGRVT
EAIGAGNKLDGVVHSIGFMPQTGMGINPFFDAPYADVSKGIHISAYSYASMAKALLPIMNPGGSIVGMDFDPSRAMPAYN
WMTVAKSALESVNRFVAREAGKYGVRSNLVAAGPIRTLAMSAIVGGALGEEAGAQIQLLEEGWDQRAPIGWNMKDATPVA
KTVCALLSDWLPATTGDIIYADGGAHTQLL
;
_entity_poly.pdbx_strand_id   A
#
loop_
_chem_comp.id
_chem_comp.type
_chem_comp.name
_chem_comp.formula
LTK non-polymer ~{N}-[3-(aminomethyl)phenyl]-5-chloranyl-3-methyl-1-benzothiophene-2-sulfonamide 'C16 H15 Cl N2 O2 S2'
NAD non-polymer NICOTINAMIDE-ADENINE-DINUCLEOTIDE 'C21 H27 N7 O14 P2'
#
# COMPACT_ATOMS: atom_id res chain seq x y z
N GLY A 4 3.19 -12.52 20.34
CA GLY A 4 2.66 -12.08 19.06
C GLY A 4 2.47 -10.57 18.98
N LEU A 5 3.15 -9.96 17.99
CA LEU A 5 3.22 -8.49 17.93
C LEU A 5 1.86 -7.84 17.78
N LEU A 6 0.88 -8.56 17.23
CA LEU A 6 -0.40 -7.99 16.84
C LEU A 6 -1.56 -8.78 17.45
N ASP A 7 -1.31 -9.40 18.60
CA ASP A 7 -2.27 -10.35 19.18
C ASP A 7 -3.58 -9.66 19.52
N GLY A 8 -4.69 -10.27 19.09
CA GLY A 8 -6.00 -9.72 19.31
C GLY A 8 -6.36 -8.52 18.46
N LYS A 9 -5.42 -7.97 17.69
CA LYS A 9 -5.74 -6.83 16.86
C LYS A 9 -6.56 -7.27 15.65
N ARG A 10 -7.56 -6.46 15.30
CA ARG A 10 -8.37 -6.66 14.11
C ARG A 10 -7.94 -5.66 13.04
N ILE A 11 -7.60 -6.17 11.86
CA ILE A 11 -6.90 -5.36 10.87
C ILE A 11 -7.46 -5.66 9.49
N LEU A 12 -7.78 -4.60 8.74
CA LEU A 12 -8.25 -4.68 7.37
C LEU A 12 -7.08 -4.51 6.42
N VAL A 13 -6.92 -5.44 5.48
CA VAL A 13 -5.82 -5.38 4.53
C VAL A 13 -6.39 -5.37 3.11
N SER A 14 -6.15 -4.30 2.38
CA SER A 14 -6.48 -4.19 0.98
C SER A 14 -5.25 -4.46 0.13
N GLY A 15 -5.47 -4.71 -1.16
CA GLY A 15 -4.37 -4.70 -2.11
C GLY A 15 -3.80 -6.05 -2.51
N ILE A 16 -4.40 -7.17 -2.09
CA ILE A 16 -3.93 -8.47 -2.56
C ILE A 16 -4.48 -8.74 -3.94
N ILE A 17 -3.61 -9.09 -4.89
CA ILE A 17 -4.08 -9.47 -6.21
C ILE A 17 -3.38 -10.76 -6.67
N THR A 18 -2.13 -10.98 -6.28
CA THR A 18 -1.47 -12.27 -6.45
C THR A 18 -0.69 -12.58 -5.18
N ASP A 19 0.00 -13.73 -5.19
CA ASP A 19 0.78 -14.14 -4.03
C ASP A 19 2.11 -13.40 -3.91
N SER A 20 2.46 -12.56 -4.87
CA SER A 20 3.62 -11.68 -4.77
C SER A 20 3.24 -10.24 -4.45
N SER A 21 1.95 -9.93 -4.33
CA SER A 21 1.51 -8.63 -3.84
C SER A 21 2.17 -8.34 -2.50
N ILE A 22 2.59 -7.09 -2.31
CA ILE A 22 3.10 -6.69 -1.00
C ILE A 22 2.06 -6.93 0.09
N ALA A 23 0.79 -6.67 -0.21
CA ALA A 23 -0.25 -6.87 0.81
C ALA A 23 -0.42 -8.34 1.18
N PHE A 24 -0.12 -9.26 0.26
CA PHE A 24 -0.16 -10.67 0.64
C PHE A 24 0.81 -10.95 1.78
N HIS A 25 2.04 -10.46 1.65
CA HIS A 25 3.03 -10.68 2.70
C HIS A 25 2.70 -9.90 3.97
N ILE A 26 2.21 -8.66 3.83
CA ILE A 26 1.68 -7.94 4.99
C ILE A 26 0.65 -8.80 5.72
N ALA A 27 -0.30 -9.35 4.95
CA ALA A 27 -1.35 -10.18 5.54
C ALA A 27 -0.76 -11.42 6.21
N ARG A 28 0.22 -12.06 5.56
CA ARG A 28 0.83 -13.24 6.15
C ARG A 28 1.55 -12.92 7.46
N VAL A 29 2.41 -11.91 7.46
CA VAL A 29 3.18 -11.59 8.66
C VAL A 29 2.24 -11.16 9.79
N ALA A 30 1.17 -10.43 9.47
CA ALA A 30 0.25 -10.01 10.52
C ALA A 30 -0.46 -11.22 11.13
N GLN A 31 -0.81 -12.21 10.31
CA GLN A 31 -1.47 -13.40 10.87
C GLN A 31 -0.50 -14.21 11.70
N GLU A 32 0.77 -14.27 11.29
CA GLU A 32 1.78 -14.94 12.10
C GLU A 32 1.94 -14.28 13.45
N GLN A 33 1.61 -12.99 13.53
CA GLN A 33 1.78 -12.23 14.76
C GLN A 33 0.46 -12.06 15.52
N GLY A 34 -0.53 -12.91 15.27
CA GLY A 34 -1.73 -12.96 16.07
C GLY A 34 -2.86 -12.04 15.67
N ALA A 35 -2.73 -11.31 14.58
CA ALA A 35 -3.80 -10.45 14.10
C ALA A 35 -4.91 -11.27 13.46
N GLN A 36 -6.12 -10.77 13.57
CA GLN A 36 -7.30 -11.33 12.91
C GLN A 36 -7.66 -10.38 11.77
N LEU A 37 -7.74 -10.90 10.56
CA LEU A 37 -7.76 -10.05 9.38
C LEU A 37 -9.13 -10.01 8.74
N VAL A 38 -9.42 -8.88 8.08
CA VAL A 38 -10.47 -8.80 7.09
C VAL A 38 -9.83 -8.29 5.81
N LEU A 39 -10.12 -8.93 4.69
CA LEU A 39 -9.48 -8.62 3.43
C LEU A 39 -10.47 -7.92 2.50
N THR A 40 -9.95 -7.00 1.69
CA THR A 40 -10.72 -6.39 0.63
C THR A 40 -9.98 -6.60 -0.69
N GLY A 41 -10.75 -6.87 -1.74
CA GLY A 41 -10.18 -7.10 -3.06
C GLY A 41 -10.99 -6.40 -4.12
N PHE A 42 -10.34 -6.16 -5.26
CA PHE A 42 -10.93 -5.38 -6.33
C PHE A 42 -11.05 -6.25 -7.57
N ASP A 43 -12.27 -6.35 -8.10
CA ASP A 43 -12.54 -6.86 -9.44
C ASP A 43 -12.53 -8.39 -9.48
N ARG A 44 -11.35 -9.01 -9.47
CA ARG A 44 -11.26 -10.46 -9.64
C ARG A 44 -11.29 -11.15 -8.27
N LEU A 45 -12.50 -11.20 -7.70
CA LEU A 45 -12.66 -11.66 -6.33
C LEU A 45 -12.52 -13.18 -6.20
N ARG A 46 -12.89 -13.92 -7.24
CA ARG A 46 -12.69 -15.37 -7.17
C ARG A 46 -11.21 -15.70 -7.20
N LEU A 47 -10.44 -15.05 -8.08
CA LEU A 47 -8.99 -15.19 -8.07
C LEU A 47 -8.40 -14.80 -6.71
N ILE A 48 -8.81 -13.64 -6.18
CA ILE A 48 -8.24 -13.20 -4.91
C ILE A 48 -8.53 -14.20 -3.81
N GLN A 49 -9.76 -14.72 -3.78
CA GLN A 49 -10.13 -15.72 -2.78
C GLN A 49 -9.20 -16.93 -2.84
N ARG A 50 -8.95 -17.44 -4.05
CA ARG A 50 -8.08 -18.59 -4.22
C ARG A 50 -6.65 -18.29 -3.79
N ILE A 51 -6.19 -17.06 -4.01
CA ILE A 51 -4.87 -16.64 -3.57
C ILE A 51 -4.80 -16.60 -2.04
N THR A 52 -5.82 -16.01 -1.41
CA THR A 52 -5.80 -15.83 0.04
C THR A 52 -6.07 -17.13 0.80
N ASP A 53 -6.62 -18.15 0.14
CA ASP A 53 -6.72 -19.47 0.73
C ASP A 53 -5.39 -19.99 1.24
N ARG A 54 -4.28 -19.47 0.72
CA ARG A 54 -2.96 -19.88 1.14
C ARG A 54 -2.42 -19.07 2.31
N LEU A 55 -3.15 -18.07 2.80
CA LEU A 55 -2.73 -17.40 4.02
C LEU A 55 -2.78 -18.38 5.19
N PRO A 56 -1.94 -18.19 6.21
CA PRO A 56 -1.93 -19.10 7.36
C PRO A 56 -3.30 -19.31 8.02
N ALA A 57 -4.20 -18.33 7.98
CA ALA A 57 -5.52 -18.48 8.54
C ALA A 57 -6.55 -17.92 7.56
N LYS A 58 -7.76 -18.36 7.71
CA LYS A 58 -8.85 -17.93 6.83
C LYS A 58 -9.30 -16.52 7.26
N ALA A 59 -9.65 -15.70 6.30
CA ALA A 59 -10.02 -14.34 6.56
C ALA A 59 -11.16 -13.94 5.64
N PRO A 60 -12.18 -13.25 6.16
CA PRO A 60 -13.29 -12.81 5.30
C PRO A 60 -12.82 -11.82 4.24
N LEU A 61 -13.32 -12.01 3.03
CA LEU A 61 -12.98 -11.17 1.88
C LEU A 61 -14.17 -10.30 1.50
N LEU A 62 -13.93 -9.00 1.38
CA LEU A 62 -14.95 -8.05 0.98
C LEU A 62 -14.54 -7.36 -0.31
N GLU A 63 -15.52 -7.06 -1.16
CA GLU A 63 -15.24 -6.36 -2.41
C GLU A 63 -15.10 -4.86 -2.17
N LEU A 64 -14.05 -4.27 -2.75
CA LEU A 64 -13.86 -2.82 -2.63
C LEU A 64 -13.16 -2.30 -3.89
N ASP A 65 -13.90 -1.56 -4.68
CA ASP A 65 -13.32 -0.79 -5.78
C ASP A 65 -13.28 0.60 -5.17
N VAL A 66 -12.12 1.19 -5.02
CA VAL A 66 -11.96 2.51 -4.35
C VAL A 66 -12.58 3.66 -5.13
N GLN A 67 -12.86 3.51 -6.41
CA GLN A 67 -13.55 4.51 -7.23
C GLN A 67 -15.08 4.34 -7.12
N ASN A 68 -15.57 3.32 -6.43
CA ASN A 68 -17.01 3.07 -6.36
C ASN A 68 -17.57 3.66 -5.07
N GLU A 69 -18.38 4.71 -5.19
CA GLU A 69 -18.92 5.39 -4.01
C GLU A 69 -19.83 4.47 -3.19
N GLU A 70 -20.55 3.55 -3.84
CA GLU A 70 -21.42 2.64 -3.09
C GLU A 70 -20.60 1.65 -2.27
N HIS A 71 -19.50 1.14 -2.84
CA HIS A 71 -18.60 0.27 -2.10
C HIS A 71 -18.08 0.95 -0.83
N LEU A 72 -17.68 2.22 -0.94
CA LEU A 72 -17.16 2.92 0.23
C LEU A 72 -18.27 3.20 1.25
N ALA A 73 -19.47 3.52 0.77
CA ALA A 73 -20.56 3.83 1.68
C ALA A 73 -21.00 2.63 2.49
N SER A 74 -20.85 1.42 1.95
CA SER A 74 -21.27 0.21 2.65
C SER A 74 -20.13 -0.45 3.43
N LEU A 75 -18.90 0.03 3.25
CA LEU A 75 -17.73 -0.73 3.73
C LEU A 75 -17.79 -0.96 5.23
N ALA A 76 -17.95 0.10 6.02
CA ALA A 76 -17.95 -0.03 7.48
C ALA A 76 -18.99 -1.05 7.94
N GLY A 77 -20.19 -1.00 7.37
CA GLY A 77 -21.22 -1.96 7.75
C GLY A 77 -20.83 -3.38 7.44
N ARG A 78 -20.24 -3.61 6.26
CA ARG A 78 -19.81 -4.95 5.89
C ARG A 78 -18.63 -5.42 6.73
N VAL A 79 -17.73 -4.50 7.10
CA VAL A 79 -16.65 -4.86 8.02
C VAL A 79 -17.23 -5.28 9.37
N THR A 80 -18.14 -4.47 9.92
CA THR A 80 -18.75 -4.82 11.20
C THR A 80 -19.48 -6.16 11.14
N GLU A 81 -20.12 -6.46 10.01
CA GLU A 81 -20.77 -7.75 9.88
C GLU A 81 -19.76 -8.90 9.87
N ALA A 82 -18.55 -8.68 9.36
CA ALA A 82 -17.56 -9.75 9.33
C ALA A 82 -16.87 -9.95 10.67
N ILE A 83 -16.59 -8.87 11.41
CA ILE A 83 -15.93 -8.97 12.70
C ILE A 83 -16.90 -9.01 13.87
N GLY A 84 -18.19 -8.78 13.64
CA GLY A 84 -19.17 -8.87 14.70
C GLY A 84 -19.50 -7.54 15.35
N ALA A 85 -20.80 -7.29 15.56
CA ALA A 85 -21.24 -6.04 16.13
C ALA A 85 -20.60 -5.81 17.49
N GLY A 86 -20.27 -4.55 17.78
CA GLY A 86 -19.55 -4.21 18.97
C GLY A 86 -18.05 -4.37 18.87
N ASN A 87 -17.55 -4.95 17.78
CA ASN A 87 -16.11 -5.01 17.56
C ASN A 87 -15.70 -3.94 16.56
N LYS A 88 -14.55 -3.33 16.80
CA LYS A 88 -14.01 -2.35 15.89
C LYS A 88 -12.67 -2.81 15.35
N LEU A 89 -12.20 -2.08 14.34
CA LEU A 89 -10.90 -2.32 13.73
C LEU A 89 -9.80 -1.66 14.55
N ASP A 90 -8.67 -2.35 14.63
CA ASP A 90 -7.47 -1.75 15.20
C ASP A 90 -6.50 -1.26 14.15
N GLY A 91 -6.60 -1.74 12.92
CA GLY A 91 -5.63 -1.40 11.90
C GLY A 91 -6.22 -1.45 10.51
N VAL A 92 -5.70 -0.60 9.63
CA VAL A 92 -6.09 -0.53 8.23
C VAL A 92 -4.83 -0.45 7.40
N VAL A 93 -4.76 -1.27 6.34
CA VAL A 93 -3.61 -1.26 5.42
C VAL A 93 -4.10 -0.87 4.03
N HIS A 94 -3.58 0.24 3.53
CA HIS A 94 -3.81 0.69 2.16
C HIS A 94 -2.61 0.25 1.32
N SER A 95 -2.82 -0.71 0.43
CA SER A 95 -1.76 -1.24 -0.44
C SER A 95 -2.25 -1.26 -1.89
N ILE A 96 -2.68 -0.10 -2.36
CA ILE A 96 -3.40 0.05 -3.61
C ILE A 96 -2.67 1.06 -4.48
N GLY A 97 -2.57 0.76 -5.78
CA GLY A 97 -1.92 1.69 -6.69
C GLY A 97 -2.20 1.35 -8.13
N PHE A 98 -2.29 2.37 -8.98
CA PHE A 98 -2.59 2.17 -10.39
C PHE A 98 -2.34 3.45 -11.13
N MET A 99 -1.69 3.35 -12.30
CA MET A 99 -1.56 4.44 -13.25
C MET A 99 -1.67 3.82 -14.63
N PRO A 100 -2.57 4.31 -15.49
CA PRO A 100 -2.65 3.77 -16.85
C PRO A 100 -1.33 3.91 -17.58
N GLN A 101 -1.16 3.09 -18.60
CA GLN A 101 0.12 2.96 -19.29
C GLN A 101 0.57 4.29 -19.89
N THR A 102 -0.37 5.17 -20.25
CA THR A 102 0.01 6.49 -20.76
C THR A 102 0.72 7.34 -19.71
N GLY A 103 0.56 7.08 -18.44
CA GLY A 103 1.22 7.95 -17.46
C GLY A 103 2.42 7.31 -16.85
N MET A 104 2.74 6.10 -17.25
CA MET A 104 3.85 5.42 -16.60
C MET A 104 4.56 4.57 -17.63
N GLY A 105 5.83 4.79 -17.91
CA GLY A 105 6.54 3.92 -18.83
C GLY A 105 7.33 4.68 -19.87
N ILE A 106 7.29 4.25 -21.12
CA ILE A 106 8.08 4.89 -22.21
C ILE A 106 7.22 5.93 -22.91
N ASN A 107 5.93 5.92 -22.66
CA ASN A 107 5.12 6.99 -23.23
C ASN A 107 5.61 8.33 -22.66
N PRO A 108 5.86 9.34 -23.52
CA PRO A 108 6.44 10.59 -23.04
C PRO A 108 5.59 11.24 -21.95
N PHE A 109 6.26 11.88 -21.00
CA PHE A 109 5.59 12.46 -19.85
C PHE A 109 4.47 13.42 -20.27
N PHE A 110 4.71 14.21 -21.32
CA PHE A 110 3.72 15.18 -21.78
C PHE A 110 2.51 14.55 -22.46
N ASP A 111 2.57 13.27 -22.83
CA ASP A 111 1.52 12.66 -23.62
C ASP A 111 0.46 11.95 -22.77
N ALA A 112 0.57 11.96 -21.46
CA ALA A 112 -0.47 11.41 -20.61
C ALA A 112 -1.69 12.33 -20.63
N PRO A 113 -2.86 11.86 -21.07
CA PRO A 113 -4.07 12.68 -20.95
C PRO A 113 -4.47 12.81 -19.49
N TYR A 114 -5.07 13.95 -19.15
CA TYR A 114 -5.39 14.19 -17.75
C TYR A 114 -6.41 13.19 -17.25
N ALA A 115 -7.32 12.73 -18.11
CA ALA A 115 -8.27 11.70 -17.71
C ALA A 115 -7.56 10.47 -17.14
N ASP A 116 -6.44 10.08 -17.77
CA ASP A 116 -5.69 8.93 -17.29
C ASP A 116 -4.94 9.26 -16.00
N VAL A 117 -4.28 10.42 -15.97
CA VAL A 117 -3.56 10.83 -14.77
C VAL A 117 -4.54 10.91 -13.59
N SER A 118 -5.71 11.52 -13.83
CA SER A 118 -6.71 11.68 -12.77
C SER A 118 -7.18 10.34 -12.23
N LYS A 119 -7.36 9.35 -13.11
CA LYS A 119 -7.74 8.03 -12.62
CA LYS A 119 -7.73 8.02 -12.63
C LYS A 119 -6.67 7.46 -11.70
N GLY A 120 -5.40 7.63 -12.06
CA GLY A 120 -4.32 7.12 -11.22
C GLY A 120 -4.20 7.83 -9.89
N ILE A 121 -4.32 9.16 -9.90
CA ILE A 121 -4.30 9.89 -8.64
C ILE A 121 -5.53 9.53 -7.79
N HIS A 122 -6.64 9.20 -8.45
CA HIS A 122 -7.83 8.80 -7.71
C HIS A 122 -7.59 7.51 -6.93
N ILE A 123 -7.03 6.51 -7.60
CA ILE A 123 -6.88 5.19 -7.01
C ILE A 123 -5.67 5.12 -6.09
N SER A 124 -4.62 5.88 -6.40
CA SER A 124 -3.34 5.77 -5.69
C SER A 124 -3.19 6.77 -4.54
N ALA A 125 -3.91 7.90 -4.57
CA ALA A 125 -3.71 8.94 -3.56
C ALA A 125 -5.03 9.29 -2.86
N TYR A 126 -6.04 9.71 -3.62
CA TYR A 126 -7.29 10.12 -3.01
C TYR A 126 -7.93 8.97 -2.24
N SER A 127 -7.77 7.74 -2.74
CA SER A 127 -8.37 6.59 -2.08
C SER A 127 -7.85 6.40 -0.65
N TYR A 128 -6.68 6.91 -0.32
CA TYR A 128 -6.20 6.82 1.07
C TYR A 128 -7.10 7.63 2.00
N ALA A 129 -7.48 8.84 1.59
CA ALA A 129 -8.46 9.61 2.37
C ALA A 129 -9.84 8.94 2.33
N SER A 130 -10.23 8.42 1.18
CA SER A 130 -11.53 7.75 1.03
C SER A 130 -11.66 6.60 2.03
N MET A 131 -10.65 5.73 2.10
CA MET A 131 -10.71 4.59 3.00
C MET A 131 -10.70 5.04 4.46
N ALA A 132 -9.87 6.04 4.79
CA ALA A 132 -9.85 6.58 6.14
C ALA A 132 -11.22 7.07 6.54
N LYS A 133 -11.88 7.84 5.67
CA LYS A 133 -13.20 8.35 5.97
C LYS A 133 -14.19 7.22 6.23
N ALA A 134 -14.12 6.16 5.42
CA ALA A 134 -15.04 5.05 5.56
C ALA A 134 -14.81 4.28 6.86
N LEU A 135 -13.56 4.19 7.31
CA LEU A 135 -13.20 3.22 8.34
C LEU A 135 -12.90 3.82 9.71
N LEU A 136 -12.50 5.08 9.78
CA LEU A 136 -12.28 5.70 11.09
C LEU A 136 -13.47 5.58 12.04
N PRO A 137 -14.73 5.70 11.61
CA PRO A 137 -15.83 5.55 12.57
C PRO A 137 -15.95 4.16 13.17
N ILE A 138 -15.22 3.17 12.63
CA ILE A 138 -15.23 1.84 13.22
C ILE A 138 -13.82 1.42 13.61
N MET A 139 -13.00 2.39 13.99
CA MET A 139 -11.66 2.12 14.50
C MET A 139 -11.54 2.48 15.99
N ASN A 140 -10.83 1.64 16.73
CA ASN A 140 -10.53 1.82 18.14
C ASN A 140 -9.47 2.90 18.35
N PRO A 141 -9.56 3.62 19.47
CA PRO A 141 -8.44 4.47 19.90
C PRO A 141 -7.18 3.63 19.98
N GLY A 142 -6.05 4.27 19.69
CA GLY A 142 -4.82 3.53 19.57
C GLY A 142 -4.67 2.75 18.28
N GLY A 143 -5.56 2.96 17.31
CA GLY A 143 -5.47 2.28 16.04
C GLY A 143 -4.41 2.86 15.10
N SER A 144 -4.28 2.23 13.94
CA SER A 144 -3.20 2.56 13.02
C SER A 144 -3.68 2.38 11.58
N ILE A 145 -3.46 3.41 10.75
CA ILE A 145 -3.65 3.32 9.30
C ILE A 145 -2.28 3.41 8.65
N VAL A 146 -2.00 2.49 7.71
CA VAL A 146 -0.71 2.43 7.02
C VAL A 146 -0.96 2.38 5.52
N GLY A 147 -0.25 3.22 4.76
CA GLY A 147 -0.29 3.15 3.32
C GLY A 147 1.05 2.81 2.73
N MET A 148 1.09 2.38 1.48
CA MET A 148 2.35 2.03 0.83
C MET A 148 2.77 3.17 -0.08
N ASP A 149 4.08 3.47 -0.06
CA ASP A 149 4.64 4.64 -0.70
C ASP A 149 5.89 4.21 -1.45
N PHE A 150 6.25 4.96 -2.49
CA PHE A 150 7.55 4.84 -3.15
C PHE A 150 8.13 6.24 -3.25
N ASP A 151 9.32 6.45 -2.67
CA ASP A 151 9.87 7.77 -2.43
C ASP A 151 9.85 8.65 -3.67
N PRO A 152 8.97 9.68 -3.70
CA PRO A 152 8.82 10.49 -4.91
C PRO A 152 9.49 11.86 -4.82
N SER A 153 10.42 12.04 -3.87
CA SER A 153 10.93 13.38 -3.63
C SER A 153 11.91 13.84 -4.70
N ARG A 154 12.36 12.91 -5.54
CA ARG A 154 13.16 13.21 -6.71
CA ARG A 154 13.16 13.21 -6.72
C ARG A 154 12.54 12.52 -7.92
N ALA A 155 12.69 13.14 -9.08
CA ALA A 155 12.14 12.53 -10.28
C ALA A 155 13.03 11.39 -10.76
N MET A 156 12.46 10.51 -11.57
CA MET A 156 13.15 9.33 -12.06
C MET A 156 12.55 8.91 -13.39
N PRO A 157 13.31 8.22 -14.23
CA PRO A 157 12.74 7.74 -15.49
C PRO A 157 11.54 6.83 -15.27
N ALA A 158 10.60 6.90 -16.21
CA ALA A 158 9.53 5.92 -16.43
C ALA A 158 8.40 5.99 -15.40
N TYR A 159 8.73 6.13 -14.12
CA TYR A 159 7.68 6.22 -13.10
C TYR A 159 6.70 7.35 -13.40
N ASN A 160 7.21 8.46 -13.94
CA ASN A 160 6.42 9.57 -14.47
C ASN A 160 5.24 9.93 -13.57
N TRP A 161 4.04 9.96 -14.12
CA TRP A 161 2.81 10.38 -13.41
C TRP A 161 2.55 9.63 -12.10
N MET A 162 3.03 8.40 -11.97
CA MET A 162 2.89 7.64 -10.72
C MET A 162 3.72 8.29 -9.61
N THR A 163 4.84 8.89 -9.93
CA THR A 163 5.65 9.65 -8.96
C THR A 163 4.84 10.85 -8.48
N VAL A 164 4.14 11.49 -9.38
CA VAL A 164 3.25 12.62 -9.02
C VAL A 164 2.15 12.13 -8.08
N ALA A 165 1.60 10.97 -8.35
CA ALA A 165 0.55 10.35 -7.51
C ALA A 165 1.08 10.04 -6.11
N LYS A 166 2.31 9.61 -6.00
CA LYS A 166 2.99 9.33 -4.73
C LYS A 166 3.22 10.63 -3.98
N SER A 167 3.67 11.66 -4.67
CA SER A 167 3.81 12.97 -4.04
C SER A 167 2.48 13.43 -3.45
N ALA A 168 1.39 13.22 -4.19
CA ALA A 168 0.07 13.57 -3.67
C ALA A 168 -0.29 12.71 -2.46
N LEU A 169 0.06 11.42 -2.50
CA LEU A 169 -0.34 10.54 -1.42
C LEU A 169 0.37 10.90 -0.10
N GLU A 170 1.64 11.30 -0.17
CA GLU A 170 2.34 11.73 1.03
C GLU A 170 1.68 12.96 1.64
N SER A 171 1.17 13.86 0.79
CA SER A 171 0.50 15.05 1.28
C SER A 171 -0.86 14.69 1.87
N VAL A 172 -1.57 13.76 1.23
CA VAL A 172 -2.84 13.28 1.75
C VAL A 172 -2.66 12.67 3.13
N ASN A 173 -1.57 11.91 3.30
CA ASN A 173 -1.29 11.23 4.56
C ASN A 173 -1.16 12.21 5.73
N ARG A 174 -0.59 13.39 5.48
CA ARG A 174 -0.41 14.36 6.55
C ARG A 174 -1.73 14.98 6.97
N PHE A 175 -2.71 15.04 6.06
CA PHE A 175 -4.05 15.51 6.43
C PHE A 175 -4.90 14.41 7.02
N VAL A 176 -4.76 13.18 6.51
CA VAL A 176 -5.45 12.05 7.13
C VAL A 176 -5.03 11.92 8.59
N ALA A 177 -3.75 12.17 8.88
CA ALA A 177 -3.27 12.10 10.26
C ALA A 177 -4.00 13.10 11.16
N ARG A 178 -4.33 14.28 10.63
CA ARG A 178 -5.06 15.27 11.43
C ARG A 178 -6.47 14.78 11.75
N GLU A 179 -7.11 14.14 10.78
CA GLU A 179 -8.44 13.58 11.00
C GLU A 179 -8.38 12.39 11.95
N ALA A 180 -7.43 11.48 11.70
CA ALA A 180 -7.33 10.27 12.50
C ALA A 180 -6.95 10.57 13.93
N GLY A 181 -6.21 11.66 14.17
CA GLY A 181 -5.84 12.02 15.52
C GLY A 181 -7.03 12.27 16.42
N LYS A 182 -8.13 12.75 15.85
CA LYS A 182 -9.37 12.94 16.62
C LYS A 182 -9.93 11.63 17.13
N TYR A 183 -9.52 10.50 16.54
CA TYR A 183 -9.96 9.17 16.95
C TYR A 183 -8.94 8.44 17.81
N GLY A 184 -7.82 9.09 18.16
CA GLY A 184 -6.71 8.38 18.75
C GLY A 184 -5.98 7.45 17.79
N VAL A 185 -6.07 7.70 16.50
CA VAL A 185 -5.56 6.79 15.47
C VAL A 185 -4.39 7.44 14.74
N ARG A 186 -3.34 6.64 14.48
CA ARG A 186 -2.20 7.11 13.72
C ARG A 186 -2.40 6.79 12.24
N SER A 187 -1.72 7.57 11.40
CA SER A 187 -1.69 7.36 9.97
C SER A 187 -0.27 7.59 9.48
N ASN A 188 0.30 6.59 8.80
CA ASN A 188 1.67 6.69 8.31
C ASN A 188 1.79 5.93 6.99
N LEU A 189 2.86 6.25 6.26
CA LEU A 189 3.18 5.53 5.04
C LEU A 189 4.50 4.78 5.21
N VAL A 190 4.61 3.65 4.51
CA VAL A 190 5.87 2.91 4.40
C VAL A 190 6.38 3.08 2.97
N ALA A 191 7.52 3.73 2.84
CA ALA A 191 8.20 3.91 1.56
C ALA A 191 9.14 2.73 1.38
N ALA A 192 8.80 1.83 0.46
CA ALA A 192 9.54 0.60 0.24
C ALA A 192 10.48 0.76 -0.95
N GLY A 193 11.55 -0.03 -0.96
CA GLY A 193 12.38 -0.16 -2.13
C GLY A 193 11.69 -1.04 -3.16
N PRO A 194 12.26 -1.14 -4.36
CA PRO A 194 11.59 -1.89 -5.44
C PRO A 194 11.43 -3.36 -5.07
N ILE A 195 10.24 -3.89 -5.34
CA ILE A 195 9.88 -5.27 -5.02
C ILE A 195 9.37 -5.91 -6.31
N ARG A 196 9.83 -7.14 -6.58
CA ARG A 196 9.46 -7.89 -7.78
C ARG A 196 8.07 -8.49 -7.61
N THR A 197 7.06 -7.63 -7.68
CA THR A 197 5.70 -8.09 -7.91
C THR A 197 5.55 -8.61 -9.34
N LEU A 198 4.41 -9.25 -9.62
CA LEU A 198 4.07 -9.64 -10.99
C LEU A 198 4.12 -8.45 -11.94
N ALA A 199 3.46 -7.35 -11.56
CA ALA A 199 3.49 -6.14 -12.38
C ALA A 199 4.92 -5.65 -12.59
N MET A 200 5.69 -5.61 -11.53
CA MET A 200 7.05 -5.15 -11.67
C MET A 200 7.87 -6.07 -12.55
N SER A 201 7.71 -7.36 -12.39
CA SER A 201 8.41 -8.31 -13.25
C SER A 201 8.00 -8.13 -14.71
N ALA A 202 6.71 -7.88 -14.95
CA ALA A 202 6.24 -7.67 -16.31
C ALA A 202 6.91 -6.45 -16.94
N ILE A 203 7.12 -5.39 -16.14
CA ILE A 203 7.74 -4.18 -16.68
C ILE A 203 9.22 -4.42 -17.00
N VAL A 204 9.93 -5.11 -16.11
CA VAL A 204 11.33 -5.48 -16.39
C VAL A 204 11.40 -6.31 -17.66
N GLY A 205 10.40 -7.14 -17.93
CA GLY A 205 10.32 -7.88 -19.17
C GLY A 205 9.84 -7.09 -20.39
N GLY A 206 9.51 -5.81 -20.23
CA GLY A 206 9.17 -4.96 -21.36
C GLY A 206 7.70 -4.65 -21.56
N ALA A 207 6.83 -4.96 -20.59
CA ALA A 207 5.40 -4.72 -20.76
C ALA A 207 5.09 -3.25 -21.01
N LEU A 208 5.88 -2.34 -20.47
CA LEU A 208 5.69 -0.91 -20.64
C LEU A 208 6.71 -0.28 -21.58
N GLY A 209 7.31 -1.06 -22.48
CA GLY A 209 8.34 -0.55 -23.35
C GLY A 209 9.74 -0.91 -22.85
N GLU A 210 10.67 -1.07 -23.80
CA GLU A 210 12.02 -1.54 -23.49
C GLU A 210 12.81 -0.53 -22.65
N GLU A 211 12.70 0.75 -22.97
CA GLU A 211 13.39 1.76 -22.17
C GLU A 211 12.96 1.69 -20.71
N ALA A 212 11.65 1.69 -20.46
CA ALA A 212 11.15 1.54 -19.09
C ALA A 212 11.77 0.32 -18.41
N GLY A 213 11.77 -0.83 -19.10
CA GLY A 213 12.33 -2.04 -18.50
C GLY A 213 13.80 -1.90 -18.15
N ALA A 214 14.58 -1.30 -19.05
CA ALA A 214 16.00 -1.07 -18.76
C ALA A 214 16.20 -0.09 -17.60
N GLN A 215 15.32 0.90 -17.46
CA GLN A 215 15.53 1.88 -16.39
C GLN A 215 15.20 1.29 -15.03
N ILE A 216 14.16 0.46 -14.95
CA ILE A 216 13.86 -0.20 -13.68
C ILE A 216 15.02 -1.07 -13.25
N GLN A 217 15.59 -1.83 -14.18
CA GLN A 217 16.71 -2.69 -13.84
C GLN A 217 17.87 -1.86 -13.30
N LEU A 218 18.15 -0.72 -13.92
CA LEU A 218 19.21 0.14 -13.41
C LEU A 218 18.85 0.71 -12.03
N LEU A 219 17.58 1.04 -11.84
CA LEU A 219 17.18 1.55 -10.53
C LEU A 219 17.31 0.44 -9.47
N GLU A 220 16.84 -0.78 -9.78
CA GLU A 220 17.03 -1.89 -8.85
C GLU A 220 18.50 -2.07 -8.49
N GLU A 221 19.37 -2.06 -9.50
CA GLU A 221 20.78 -2.30 -9.24
C GLU A 221 21.38 -1.18 -8.39
N GLY A 222 21.08 0.08 -8.73
CA GLY A 222 21.56 1.18 -7.91
C GLY A 222 21.07 1.10 -6.48
N TRP A 223 19.87 0.57 -6.27
CA TRP A 223 19.29 0.51 -4.94
C TRP A 223 20.10 -0.40 -4.02
N ASP A 224 20.35 -1.64 -4.45
CA ASP A 224 21.14 -2.55 -3.63
C ASP A 224 22.53 -2.00 -3.35
N GLN A 225 23.13 -1.33 -4.34
CA GLN A 225 24.45 -0.73 -4.16
C GLN A 225 24.44 0.35 -3.08
N ARG A 226 23.47 1.26 -3.14
CA ARG A 226 23.39 2.38 -2.18
C ARG A 226 23.04 1.92 -0.78
N ALA A 227 22.20 0.90 -0.66
CA ALA A 227 21.66 0.48 0.62
C ALA A 227 22.78 -0.05 1.53
N PRO A 228 23.02 0.56 2.68
CA PRO A 228 24.12 0.09 3.53
C PRO A 228 23.93 -1.34 4.03
N ILE A 229 22.70 -1.84 4.10
CA ILE A 229 22.44 -3.21 4.51
C ILE A 229 21.98 -4.06 3.32
N GLY A 230 22.19 -3.57 2.10
CA GLY A 230 21.72 -4.27 0.91
C GLY A 230 20.22 -4.14 0.69
N TRP A 231 19.78 -4.45 -0.52
CA TRP A 231 18.36 -4.51 -0.83
C TRP A 231 18.09 -5.71 -1.72
N ASN A 232 17.17 -6.55 -1.30
CA ASN A 232 16.79 -7.75 -2.01
C ASN A 232 15.37 -7.54 -2.53
N MET A 233 15.27 -7.23 -3.82
CA MET A 233 14.00 -6.92 -4.47
C MET A 233 13.05 -8.11 -4.54
N LYS A 234 13.52 -9.33 -4.27
CA LYS A 234 12.69 -10.51 -4.33
C LYS A 234 12.16 -10.93 -2.96
N ASP A 235 12.48 -10.16 -1.94
CA ASP A 235 12.02 -10.42 -0.56
C ASP A 235 11.19 -9.27 -0.01
N ALA A 236 9.89 -9.45 0.07
CA ALA A 236 8.94 -8.46 0.58
C ALA A 236 8.77 -8.54 2.10
N THR A 237 9.36 -9.56 2.72
CA THR A 237 9.27 -9.76 4.20
C THR A 237 9.66 -8.47 4.94
N PRO A 238 10.82 -7.86 4.64
CA PRO A 238 11.25 -6.64 5.31
C PRO A 238 10.16 -5.54 5.32
N VAL A 239 9.52 -5.33 4.16
CA VAL A 239 8.45 -4.30 4.02
C VAL A 239 7.23 -4.72 4.84
N ALA A 240 6.91 -6.01 4.85
CA ALA A 240 5.75 -6.52 5.59
C ALA A 240 5.97 -6.36 7.09
N LYS A 241 7.17 -6.61 7.57
CA LYS A 241 7.48 -6.46 9.00
C LYS A 241 7.44 -5.00 9.41
N THR A 242 7.81 -4.09 8.52
CA THR A 242 7.77 -2.64 8.80
C THR A 242 6.33 -2.21 8.95
N VAL A 243 5.48 -2.63 8.04
CA VAL A 243 4.05 -2.31 8.17
C VAL A 243 3.52 -2.81 9.50
N CYS A 244 3.87 -4.04 9.87
CA CYS A 244 3.41 -4.59 11.14
C CYS A 244 3.94 -3.79 12.31
N ALA A 245 5.17 -3.29 12.21
CA ALA A 245 5.70 -2.41 13.25
C ALA A 245 4.78 -1.21 13.48
N LEU A 246 4.34 -0.58 12.39
CA LEU A 246 3.46 0.58 12.47
C LEU A 246 2.06 0.23 12.92
N LEU A 247 1.62 -1.01 12.67
CA LEU A 247 0.32 -1.45 13.15
C LEU A 247 0.33 -1.81 14.62
N SER A 248 1.51 -2.04 15.20
CA SER A 248 1.66 -2.42 16.59
C SER A 248 1.61 -1.18 17.48
N ASP A 249 1.82 -1.40 18.77
CA ASP A 249 1.85 -0.32 19.75
C ASP A 249 3.25 0.21 20.00
N TRP A 250 4.22 -0.11 19.13
CA TRP A 250 5.61 0.19 19.40
C TRP A 250 6.14 1.39 18.65
N LEU A 251 5.32 2.05 17.83
CA LEU A 251 5.60 3.40 17.33
C LEU A 251 4.47 4.36 17.75
N PRO A 252 4.22 4.51 19.05
CA PRO A 252 2.99 5.18 19.48
C PRO A 252 2.98 6.68 19.25
N ALA A 253 4.13 7.29 18.92
CA ALA A 253 4.22 8.74 18.78
C ALA A 253 4.59 9.16 17.35
N THR A 254 4.29 8.33 16.36
CA THR A 254 4.61 8.60 14.96
C THR A 254 3.34 8.66 14.13
N THR A 255 3.09 9.80 13.48
CA THR A 255 1.89 9.94 12.68
C THR A 255 2.10 11.04 11.66
N GLY A 256 1.32 10.98 10.58
CA GLY A 256 1.53 11.87 9.44
C GLY A 256 2.89 11.69 8.80
N ASP A 257 3.53 10.55 9.01
CA ASP A 257 4.95 10.38 8.75
C ASP A 257 5.19 9.28 7.70
N ILE A 258 6.46 9.09 7.34
CA ILE A 258 6.89 8.12 6.34
C ILE A 258 8.05 7.34 6.94
N ILE A 259 7.92 6.01 7.02
CA ILE A 259 9.00 5.12 7.42
C ILE A 259 9.64 4.51 6.16
N TYR A 260 10.97 4.56 6.07
CA TYR A 260 11.67 4.09 4.88
C TYR A 260 12.13 2.66 5.10
N ALA A 261 11.42 1.72 4.49
CA ALA A 261 11.83 0.32 4.45
C ALA A 261 12.48 0.05 3.09
N ASP A 262 13.67 0.63 2.92
CA ASP A 262 14.35 0.67 1.63
C ASP A 262 15.82 0.27 1.74
N GLY A 263 16.23 -0.39 2.83
CA GLY A 263 17.61 -0.72 3.05
C GLY A 263 18.50 0.46 3.37
N GLY A 264 17.94 1.63 3.67
CA GLY A 264 18.71 2.84 3.86
C GLY A 264 19.14 3.55 2.60
N ALA A 265 18.66 3.10 1.43
CA ALA A 265 19.15 3.62 0.15
C ALA A 265 18.91 5.13 0.01
N HIS A 266 17.81 5.65 0.55
CA HIS A 266 17.53 7.07 0.39
C HIS A 266 18.44 7.96 1.21
N THR A 267 19.20 7.41 2.16
CA THR A 267 20.13 8.18 2.96
C THR A 267 21.52 8.27 2.32
N GLN A 268 21.72 7.65 1.16
CA GLN A 268 23.05 7.56 0.56
C GLN A 268 23.04 8.12 -0.86
N LEU A 269 24.08 8.85 -1.22
CA LEU A 269 24.17 9.37 -2.59
C LEU A 269 24.69 8.30 -3.56
N LEU A 270 25.90 7.78 -3.30
CA LEU A 270 26.41 6.63 -4.07
C LEU A 270 26.83 5.48 -3.16
PA NAD B . 0.09 -5.17 -6.82
O1A NAD B . 0.30 -6.35 -6.41
O2A NAD B . -0.15 -5.06 -8.13
O5B NAD B . -1.05 -4.59 -5.98
C5B NAD B . -1.82 -3.50 -6.31
C4B NAD B . -3.27 -3.66 -5.89
O4B NAD B . -4.05 -2.34 -6.16
C3B NAD B . -3.91 -4.62 -6.47
O3B NAD B . -4.38 -5.55 -5.50
C2B NAD B . -5.07 -3.91 -7.12
O2B NAD B . -6.16 -4.68 -7.20
C1B NAD B . -5.24 -2.67 -6.31
N9A NAD B . -6.10 -1.79 -7.04
C8A NAD B . -5.96 -1.28 -8.22
N7A NAD B . -6.97 -0.62 -8.47
C5A NAD B . -7.74 -0.74 -7.48
C6A NAD B . -8.96 -0.22 -7.29
N6A NAD B . -9.80 0.56 -8.00
N1A NAD B . -9.61 -0.45 -6.21
C2A NAD B . -9.07 -1.22 -5.27
N3A NAD B . -7.87 -1.75 -5.45
C4A NAD B . -7.21 -1.47 -6.57
O3 NAD B . 1.39 -4.44 -6.52
PN NAD B . 2.04 -3.89 -5.24
O1N NAD B . 2.13 -4.69 -4.24
O2N NAD B . 3.29 -3.71 -5.45
O5D NAD B . 1.40 -2.67 -4.99
C5D NAD B . 0.92 -2.24 -3.77
C4D NAD B . 1.49 -1.00 -3.23
O4D NAD B . 2.69 -1.07 -2.90
C3D NAD B . 1.37 0.19 -4.38
O3D NAD B . 0.67 1.23 -3.70
C2D NAD B . 2.52 0.38 -4.74
O2D NAD B . 2.68 1.65 -5.38
C1D NAD B . 3.38 0.13 -3.41
N1N NAD B . 4.64 0.00 -3.60
C2N NAD B . 5.19 -0.93 -4.41
C3N NAD B . 6.51 -1.07 -4.54
C7N NAD B . 7.16 -2.09 -5.43
O7N NAD B . 8.17 -1.99 -5.77
N7N NAD B . 6.56 -3.23 -5.90
C4N NAD B . 7.30 -0.22 -3.86
C5N NAD B . 6.75 0.70 -3.06
C6N NAD B . 5.41 0.81 -2.95
C13 LTK C . 1.46 1.51 -10.19
C15 LTK C . 1.40 -0.46 -8.93
C17 LTK C . 0.77 -1.82 -8.62
C22 LTK C . 5.16 0.45 -10.75
C01 LTK C . 7.64 1.60 -12.06
C02 LTK C . 8.74 2.11 -12.75
C03 LTK C . 9.84 2.62 -12.05
C04 LTK C . 9.81 2.60 -10.65
C05 LTK C . 8.67 2.09 -10.03
C06 LTK C . 7.61 1.59 -10.74
C07 LTK C . 6.41 1.03 -10.10
C08 LTK C . 6.71 1.16 -8.76
C11 LTK C . 3.05 1.17 -8.47
C12 LTK C . 2.55 1.97 -9.47
C14 LTK C . 0.87 0.30 -9.94
C16 LTK C . 2.49 -0.05 -8.18
N10 LTK C . 4.18 1.62 -7.70
N18 LTK C . 1.12 -2.79 -9.65
O19 LTK C . 5.35 -0.64 -7.42
O20 LTK C . 6.11 1.26 -6.40
S09 LTK C . 5.58 0.68 -7.51
S21 LTK C . 8.17 1.86 -8.50
CL1 LTK C . 8.76 2.10 -14.53
#